data_4K0A
#
_entry.id   4K0A
#
_cell.length_a   65.521
_cell.length_b   164.657
_cell.length_c   78.000
_cell.angle_alpha   90.00
_cell.angle_beta   90.00
_cell.angle_gamma   90.00
#
_symmetry.space_group_name_H-M   'C 2 2 21'
#
loop_
_entity.id
_entity.type
_entity.pdbx_description
1 polymer 'HIV-1 YU2 gp120 glycoprotein'
2 polymer 'CD4-MIMETIC MINIPROTEIN M48U7'
3 non-polymer 2-acetamido-2-deoxy-beta-D-glucopyranose
4 non-polymer 'ISOPROPYL ALCOHOL'
5 non-polymer 'CITRATE ANION'
6 water water
#
loop_
_entity_poly.entity_id
_entity_poly.type
_entity_poly.pdbx_seq_one_letter_code
_entity_poly.pdbx_strand_id
1 'polypeptide(L)'
;MPMGSLQPLATLYLLGMLVASVLAVWKEATTTLFCASDAKAYDTEVHNVWATHACVPTDPNPQEVKLENVTENFNMWKNN
MVEQMHEDIISLWDQSLKPCVKLTGGSVITQACPKVSFEPIPIHYCAPAGFAILKCNDKKFNGTGPCTNVSTVQCTHGIR
PVVSTQLLLNGSLAEEEIVIRSENFTNNAKTIIVQLNESVVINCTRPNNGGSGSGGDIRQAHCNLSKTQWENTLEQIAIK
LKEQFGNNKTIIFNPSSGGDPEIVTHSFNCGGEFFYCNSTQLFTWNDTRKLNNTGRNITLPCRIKQIINMWQEVGKAMYA
PPIRGQIRCSSNITGLLLTRDGGKDTNGTEIFRPGGGDMRDNWRSELYKYKVVKIE
;
A
2 'polypeptide(L)' (MPT)NLHFCQLRCKSLGLLGRCA(DPR)T(1OP)CACV(NH2) R
#
loop_
_chem_comp.id
_chem_comp.type
_chem_comp.name
_chem_comp.formula
FLC non-polymer 'CITRATE ANION' 'C6 H5 O7 -3'
IPA non-polymer 'ISOPROPYL ALCOHOL' 'C3 H8 O'
MPT non-polymer 'BETA-MERCAPTOPROPIONIC ACID' 'C3 H6 O2 S'
NAG D-saccharide, beta linking 2-acetamido-2-deoxy-beta-D-glucopyranose 'C8 H15 N O6'
NH2 non-polymer 'AMINO GROUP' 'H2 N'
#
# COMPACT_ATOMS: atom_id res chain seq x y z
N VAL A 25 -7.07 1.32 -33.55
CA VAL A 25 -6.77 1.69 -32.18
C VAL A 25 -6.09 0.54 -31.44
N TRP A 26 -5.07 0.88 -30.66
CA TRP A 26 -4.44 -0.08 -29.75
C TRP A 26 -5.35 -0.24 -28.54
N LYS A 27 -6.07 -1.34 -28.49
CA LYS A 27 -7.00 -1.61 -27.41
C LYS A 27 -6.26 -2.12 -26.18
N GLU A 28 -6.82 -1.85 -25.00
CA GLU A 28 -6.27 -2.38 -23.77
C GLU A 28 -6.28 -3.91 -23.86
N ALA A 29 -5.23 -4.54 -23.34
CA ALA A 29 -5.08 -5.98 -23.48
C ALA A 29 -4.33 -6.57 -22.29
N THR A 30 -4.53 -7.87 -22.07
CA THR A 30 -3.81 -8.61 -21.05
C THR A 30 -2.70 -9.39 -21.73
N THR A 31 -1.51 -9.34 -21.14
CA THR A 31 -0.37 -10.07 -21.68
C THR A 31 0.51 -10.60 -20.56
N THR A 32 1.60 -11.24 -20.95
CA THR A 32 2.58 -11.73 -20.00
C THR A 32 3.62 -10.66 -19.75
N LEU A 33 3.32 -9.74 -18.83
CA LEU A 33 4.30 -8.73 -18.43
C LEU A 33 5.44 -9.44 -17.71
N PHE A 34 6.66 -9.08 -18.08
CA PHE A 34 7.84 -9.59 -17.37
C PHE A 34 8.43 -8.48 -16.51
N CYS A 35 9.20 -8.89 -15.51
CA CYS A 35 9.77 -7.93 -14.56
CA CYS A 35 9.77 -7.95 -14.54
C CYS A 35 11.26 -7.69 -14.80
N ALA A 36 11.72 -6.52 -14.41
CA ALA A 36 13.12 -6.15 -14.53
C ALA A 36 13.56 -5.45 -13.25
N SER A 37 14.81 -5.66 -12.85
CA SER A 37 15.33 -5.03 -11.63
C SER A 37 16.85 -5.01 -11.61
N ASP A 38 17.41 -4.36 -10.59
CA ASP A 38 18.86 -4.31 -10.40
C ASP A 38 19.30 -5.30 -9.33
N ALA A 39 18.56 -6.41 -9.22
CA ALA A 39 18.87 -7.44 -8.23
C ALA A 39 20.26 -8.01 -8.45
N LYS A 40 20.96 -8.29 -7.36
CA LYS A 40 22.31 -8.84 -7.41
C LYS A 40 22.30 -10.32 -7.06
N ALA A 41 23.12 -11.09 -7.76
CA ALA A 41 23.20 -12.52 -7.56
C ALA A 41 23.85 -12.88 -6.22
N TYR A 42 24.60 -11.93 -5.65
CA TYR A 42 25.35 -12.18 -4.42
C TYR A 42 24.62 -11.70 -3.16
N ASP A 43 23.38 -11.25 -3.33
CA ASP A 43 22.54 -10.85 -2.19
C ASP A 43 21.63 -12.00 -1.75
N THR A 44 21.71 -12.37 -0.48
CA THR A 44 20.82 -13.38 0.07
C THR A 44 19.51 -12.76 0.55
N GLU A 45 19.40 -11.44 0.41
CA GLU A 45 18.16 -10.75 0.74
C GLU A 45 17.06 -11.27 -0.18
N VAL A 46 15.88 -11.54 0.38
CA VAL A 46 14.87 -12.34 -0.31
C VAL A 46 14.28 -11.70 -1.57
N HIS A 47 14.14 -10.38 -1.58
CA HIS A 47 13.69 -9.70 -2.79
C HIS A 47 14.72 -9.87 -3.90
N ASN A 48 16.00 -9.77 -3.55
CA ASN A 48 17.07 -9.96 -4.51
C ASN A 48 17.07 -11.38 -5.06
N VAL A 49 16.92 -12.36 -4.18
CA VAL A 49 16.93 -13.77 -4.58
C VAL A 49 15.78 -14.05 -5.55
N TRP A 50 14.58 -13.58 -5.21
CA TRP A 50 13.42 -13.80 -6.05
C TRP A 50 13.60 -13.16 -7.42
N ALA A 51 14.03 -11.90 -7.42
CA ALA A 51 14.22 -11.16 -8.65
C ALA A 51 15.29 -11.77 -9.54
N THR A 52 16.24 -12.48 -8.93
CA THR A 52 17.35 -13.08 -9.66
C THR A 52 16.88 -14.14 -10.66
N HIS A 53 15.85 -14.89 -10.30
CA HIS A 53 15.32 -15.93 -11.19
C HIS A 53 14.03 -15.50 -11.90
N ALA A 54 13.37 -14.47 -11.37
CA ALA A 54 12.09 -14.03 -11.93
C ALA A 54 12.22 -12.86 -12.91
N CYS A 55 13.24 -12.03 -12.71
CA CYS A 55 13.39 -10.79 -13.49
C CYS A 55 14.62 -10.77 -14.40
N VAL A 56 14.59 -9.86 -15.37
CA VAL A 56 15.74 -9.59 -16.23
C VAL A 56 16.44 -8.34 -15.69
N PRO A 57 17.65 -8.05 -16.20
CA PRO A 57 18.27 -6.79 -15.74
C PRO A 57 17.49 -5.56 -16.16
N THR A 58 17.61 -4.49 -15.37
CA THR A 58 16.97 -3.22 -15.67
C THR A 58 17.31 -2.79 -17.10
N ASP A 59 16.34 -2.18 -17.76
CA ASP A 59 16.51 -1.74 -19.14
C ASP A 59 17.72 -0.82 -19.27
N PRO A 60 18.75 -1.24 -20.02
CA PRO A 60 19.94 -0.39 -20.17
C PRO A 60 19.66 0.90 -20.95
N ASN A 61 18.81 0.82 -21.97
CA ASN A 61 18.50 1.96 -22.82
C ASN A 61 16.99 2.17 -22.95
N PRO A 62 16.38 2.80 -21.93
CA PRO A 62 14.93 3.06 -21.98
C PRO A 62 14.56 4.16 -22.97
N GLN A 63 13.40 4.02 -23.61
CA GLN A 63 12.92 5.02 -24.56
C GLN A 63 11.45 5.36 -24.33
N GLU A 64 11.21 6.60 -23.92
CA GLU A 64 9.87 7.14 -23.77
C GLU A 64 9.52 7.98 -24.99
N VAL A 65 8.45 7.62 -25.68
CA VAL A 65 8.01 8.34 -26.86
C VAL A 65 6.68 9.02 -26.59
N LYS A 66 6.63 10.33 -26.82
CA LYS A 66 5.40 11.08 -26.65
C LYS A 66 4.49 10.85 -27.85
N LEU A 67 3.21 10.63 -27.59
CA LEU A 67 2.23 10.42 -28.64
C LEU A 67 1.45 11.72 -28.86
N GLU A 68 1.63 12.33 -30.03
CA GLU A 68 1.09 13.65 -30.30
C GLU A 68 -0.37 13.61 -30.72
N ASN A 69 -1.16 14.55 -30.20
CA ASN A 69 -2.58 14.67 -30.55
C ASN A 69 -3.37 13.42 -30.18
N VAL A 70 -2.84 12.66 -29.23
CA VAL A 70 -3.48 11.43 -28.77
C VAL A 70 -4.12 11.63 -27.40
N THR A 71 -5.40 11.28 -27.30
CA THR A 71 -6.10 11.23 -26.02
C THR A 71 -6.46 9.77 -25.74
N GLU A 72 -6.30 9.37 -24.47
CA GLU A 72 -6.53 7.98 -24.08
C GLU A 72 -7.21 7.90 -22.71
N ASN A 73 -8.19 7.01 -22.60
CA ASN A 73 -8.91 6.80 -21.35
CA ASN A 73 -8.91 6.79 -21.36
C ASN A 73 -8.20 5.76 -20.49
N PHE A 74 -7.93 6.14 -19.24
CA PHE A 74 -7.31 5.24 -18.27
C PHE A 74 -8.35 4.85 -17.21
N ASN A 75 -8.07 3.78 -16.48
CA ASN A 75 -8.92 3.36 -15.36
C ASN A 75 -8.08 2.58 -14.35
N MET A 76 -7.59 3.29 -13.34
CA MET A 76 -6.68 2.71 -12.36
C MET A 76 -7.35 1.63 -11.50
N TRP A 77 -8.67 1.62 -11.50
CA TRP A 77 -9.42 0.69 -10.65
C TRP A 77 -9.72 -0.61 -11.39
N LYS A 78 -9.55 -0.60 -12.71
CA LYS A 78 -9.73 -1.77 -13.54
C LYS A 78 -8.49 -1.94 -14.42
N ASN A 79 -7.40 -2.40 -13.81
CA ASN A 79 -6.11 -2.51 -14.49
C ASN A 79 -5.47 -3.85 -14.18
N ASN A 80 -5.26 -4.66 -15.22
CA ASN A 80 -4.72 -5.99 -15.04
C ASN A 80 -3.27 -5.99 -14.54
N MET A 81 -2.58 -4.87 -14.73
CA MET A 81 -1.21 -4.72 -14.23
C MET A 81 -1.18 -4.92 -12.73
N VAL A 82 -2.21 -4.42 -12.04
CA VAL A 82 -2.31 -4.52 -10.60
C VAL A 82 -2.46 -5.97 -10.18
N GLU A 83 -3.28 -6.71 -10.91
CA GLU A 83 -3.51 -8.12 -10.62
C GLU A 83 -2.24 -8.93 -10.79
N GLN A 84 -1.47 -8.61 -11.83
CA GLN A 84 -0.25 -9.34 -12.12
C GLN A 84 0.81 -9.06 -11.07
N MET A 85 0.89 -7.81 -10.63
CA MET A 85 1.83 -7.45 -9.58
C MET A 85 1.46 -8.15 -8.28
N HIS A 86 0.17 -8.13 -7.94
CA HIS A 86 -0.32 -8.76 -6.73
C HIS A 86 0.11 -10.23 -6.65
N GLU A 87 -0.04 -10.95 -7.76
CA GLU A 87 0.35 -12.36 -7.82
C GLU A 87 1.84 -12.57 -7.65
N ASP A 88 2.64 -11.66 -8.21
CA ASP A 88 4.09 -11.78 -8.11
C ASP A 88 4.59 -11.59 -6.68
N ILE A 89 4.06 -10.57 -6.00
CA ILE A 89 4.49 -10.30 -4.63
C ILE A 89 4.03 -11.41 -3.69
N ILE A 90 2.88 -12.02 -4.01
CA ILE A 90 2.40 -13.17 -3.27
C ILE A 90 3.43 -14.31 -3.40
N SER A 91 3.81 -14.60 -4.64
CA SER A 91 4.80 -15.63 -4.92
C SER A 91 6.13 -15.30 -4.25
N LEU A 92 6.47 -14.01 -4.22
CA LEU A 92 7.70 -13.55 -3.59
C LEU A 92 7.69 -13.91 -2.11
N TRP A 93 6.61 -13.53 -1.42
CA TRP A 93 6.48 -13.78 0.01
C TRP A 93 6.39 -15.27 0.31
N ASP A 94 5.66 -16.01 -0.51
CA ASP A 94 5.41 -17.42 -0.25
C ASP A 94 6.65 -18.29 -0.43
N GLN A 95 7.64 -17.77 -1.17
CA GLN A 95 8.91 -18.45 -1.33
C GLN A 95 9.92 -17.99 -0.27
N SER A 96 9.73 -16.76 0.19
CA SER A 96 10.72 -16.09 1.02
C SER A 96 10.44 -16.21 2.51
N LEU A 97 9.28 -15.74 2.93
CA LEU A 97 8.91 -15.70 4.34
C LEU A 97 8.09 -16.91 4.75
N LYS A 98 8.77 -17.90 5.35
CA LYS A 98 8.11 -19.13 5.78
C LYS A 98 7.74 -19.05 7.26
N PRO A 99 6.43 -19.11 7.58
CA PRO A 99 6.04 -19.16 8.98
C PRO A 99 6.24 -20.56 9.57
N CYS A 100 6.37 -20.65 10.89
CA CYS A 100 6.55 -21.93 11.56
C CYS A 100 5.26 -22.74 11.51
N VAL A 101 4.14 -22.02 11.51
CA VAL A 101 2.82 -22.64 11.48
C VAL A 101 1.90 -21.78 10.63
N LYS A 102 0.99 -22.41 9.89
CA LYS A 102 0.03 -21.69 9.07
C LYS A 102 -1.34 -22.36 9.09
N LEU A 103 -2.36 -21.57 9.36
CA LEU A 103 -3.73 -22.06 9.47
C LEU A 103 -4.57 -21.48 8.33
N THR A 104 -5.11 -22.37 7.50
CA THR A 104 -5.96 -21.97 6.39
C THR A 104 -7.06 -23.01 6.19
N GLY A 105 -8.31 -22.56 6.22
CA GLY A 105 -9.43 -23.45 5.98
C GLY A 105 -9.46 -24.66 6.89
N GLY A 106 -9.07 -24.47 8.15
CA GLY A 106 -9.06 -25.54 9.12
C GLY A 106 -7.86 -26.46 9.01
N SER A 107 -7.07 -26.27 7.95
CA SER A 107 -5.89 -27.10 7.71
C SER A 107 -4.64 -26.45 8.29
N VAL A 108 -3.87 -27.23 9.05
CA VAL A 108 -2.66 -26.74 9.69
C VAL A 108 -1.42 -27.32 9.02
N ILE A 109 -0.46 -26.44 8.74
CA ILE A 109 0.83 -26.82 8.16
CA ILE A 109 0.83 -26.86 8.21
C ILE A 109 1.94 -26.26 9.06
N THR A 110 2.96 -27.07 9.30
CA THR A 110 4.14 -26.63 10.05
CA THR A 110 4.14 -26.63 10.05
C THR A 110 5.39 -26.93 9.26
N GLN A 111 6.41 -26.09 9.43
CA GLN A 111 7.65 -26.21 8.66
C GLN A 111 8.77 -25.44 9.34
N ALA A 112 9.98 -25.61 8.82
CA ALA A 112 11.13 -24.83 9.29
C ALA A 112 10.90 -23.38 8.95
N CYS A 113 11.11 -22.51 9.94
CA CYS A 113 10.87 -21.08 9.78
C CYS A 113 12.15 -20.28 10.01
N PRO A 114 13.13 -20.44 9.10
CA PRO A 114 14.38 -19.69 9.22
C PRO A 114 14.14 -18.20 9.01
N LYS A 115 14.83 -17.37 9.80
CA LYS A 115 14.73 -15.93 9.64
C LYS A 115 15.51 -15.52 8.39
N VAL A 116 15.12 -14.41 7.79
CA VAL A 116 15.68 -13.97 6.51
C VAL A 116 16.07 -12.50 6.56
N SER A 117 16.87 -12.09 5.58
CA SER A 117 17.14 -10.68 5.36
C SER A 117 16.08 -10.14 4.41
N PHE A 118 15.45 -9.05 4.81
CA PHE A 118 14.25 -8.55 4.14
C PHE A 118 14.32 -7.04 3.94
N GLU A 119 14.48 -6.63 2.68
CA GLU A 119 14.42 -5.21 2.33
C GLU A 119 13.98 -5.06 0.87
N PRO A 120 12.78 -4.50 0.65
CA PRO A 120 12.25 -4.40 -0.72
C PRO A 120 13.16 -3.62 -1.68
N ILE A 121 13.19 -4.06 -2.93
CA ILE A 121 13.91 -3.36 -4.00
C ILE A 121 12.92 -2.93 -5.07
N PRO A 122 13.31 -1.96 -5.93
CA PRO A 122 12.42 -1.54 -7.01
C PRO A 122 12.28 -2.59 -8.10
N ILE A 123 11.04 -2.82 -8.55
CA ILE A 123 10.75 -3.75 -9.63
C ILE A 123 10.06 -2.99 -10.76
N HIS A 124 10.61 -3.12 -11.97
CA HIS A 124 10.00 -2.56 -13.17
C HIS A 124 9.18 -3.63 -13.88
N TYR A 125 8.03 -3.25 -14.42
CA TYR A 125 7.24 -4.15 -15.24
C TYR A 125 7.34 -3.72 -16.69
N CYS A 126 7.54 -4.71 -17.58
CA CYS A 126 7.83 -4.44 -18.98
C CYS A 126 6.87 -5.22 -19.87
N ALA A 127 6.61 -4.68 -21.06
CA ALA A 127 5.68 -5.30 -22.00
C ALA A 127 6.45 -6.10 -23.05
N PRO A 128 6.01 -7.35 -23.33
CA PRO A 128 6.67 -8.12 -24.39
C PRO A 128 6.32 -7.60 -25.77
N ALA A 129 6.89 -8.23 -26.81
CA ALA A 129 6.65 -7.83 -28.19
C ALA A 129 5.17 -7.90 -28.54
N GLY A 130 4.71 -6.96 -29.35
CA GLY A 130 3.32 -6.89 -29.77
C GLY A 130 2.49 -6.00 -28.86
N PHE A 131 3.04 -5.66 -27.71
CA PHE A 131 2.33 -4.85 -26.72
C PHE A 131 3.15 -3.62 -26.35
N ALA A 132 2.49 -2.66 -25.70
CA ALA A 132 3.16 -1.45 -25.24
C ALA A 132 2.49 -0.94 -23.98
N ILE A 133 3.26 -0.25 -23.15
CA ILE A 133 2.73 0.40 -21.96
C ILE A 133 2.51 1.88 -22.27
N LEU A 134 1.28 2.35 -22.05
CA LEU A 134 0.96 3.76 -22.18
C LEU A 134 1.07 4.41 -20.82
N LYS A 135 1.55 5.66 -20.79
CA LYS A 135 1.77 6.38 -19.54
C LYS A 135 1.11 7.75 -19.60
N CYS A 136 0.28 8.03 -18.59
CA CYS A 136 -0.36 9.33 -18.45
C CYS A 136 0.58 10.26 -17.70
N ASN A 137 0.80 11.45 -18.26
CA ASN A 137 1.72 12.42 -17.67
C ASN A 137 1.02 13.66 -17.12
N ASP A 138 -0.32 13.66 -17.14
CA ASP A 138 -1.09 14.77 -16.61
C ASP A 138 -0.88 14.90 -15.10
N LYS A 139 -0.64 16.13 -14.64
CA LYS A 139 -0.25 16.37 -13.25
C LYS A 139 -1.39 16.12 -12.26
N LYS A 140 -2.61 16.50 -12.62
CA LYS A 140 -3.76 16.42 -11.72
C LYS A 140 -4.65 15.21 -12.03
N PHE A 141 -4.07 14.19 -12.66
CA PHE A 141 -4.82 13.01 -13.09
C PHE A 141 -5.47 12.28 -11.92
N ASN A 142 -6.79 12.10 -12.00
CA ASN A 142 -7.57 11.53 -10.90
C ASN A 142 -7.67 10.01 -10.92
N GLY A 143 -7.20 9.39 -12.00
CA GLY A 143 -7.19 7.94 -12.09
C GLY A 143 -8.08 7.37 -13.18
N THR A 144 -9.13 8.10 -13.53
CA THR A 144 -10.09 7.65 -14.54
C THR A 144 -10.38 8.75 -15.56
N GLY A 145 -10.75 8.35 -16.77
CA GLY A 145 -11.10 9.30 -17.80
C GLY A 145 -9.95 9.58 -18.74
N PRO A 146 -10.13 10.54 -19.66
CA PRO A 146 -9.15 10.84 -20.70
C PRO A 146 -7.86 11.49 -20.19
N CYS A 147 -6.76 11.20 -20.88
CA CYS A 147 -5.47 11.80 -20.60
C CYS A 147 -4.95 12.45 -21.89
N THR A 148 -4.54 13.72 -21.80
CA THR A 148 -4.18 14.48 -23.00
C THR A 148 -2.68 14.49 -23.30
N ASN A 149 -1.88 14.10 -22.33
CA ASN A 149 -0.43 13.99 -22.51
C ASN A 149 0.03 12.56 -22.27
N VAL A 150 -0.06 11.74 -23.30
CA VAL A 150 0.24 10.32 -23.19
C VAL A 150 1.57 10.00 -23.86
N SER A 151 2.34 9.12 -23.23
CA SER A 151 3.58 8.62 -23.81
C SER A 151 3.59 7.11 -23.73
N THR A 152 4.45 6.49 -24.53
CA THR A 152 4.63 5.05 -24.47
C THR A 152 6.01 4.75 -23.90
N VAL A 153 6.08 3.71 -23.07
CA VAL A 153 7.34 3.31 -22.45
C VAL A 153 7.53 1.82 -22.57
N GLN A 154 8.78 1.38 -22.46
CA GLN A 154 9.12 -0.02 -22.52
C GLN A 154 8.89 -0.66 -21.16
N CYS A 155 9.14 0.10 -20.10
CA CYS A 155 8.96 -0.38 -18.74
C CYS A 155 8.43 0.70 -17.81
N THR A 156 7.74 0.29 -16.75
CA THR A 156 7.33 1.21 -15.71
C THR A 156 8.55 1.68 -14.93
N HIS A 157 8.38 2.71 -14.11
CA HIS A 157 9.42 3.13 -13.20
C HIS A 157 9.59 2.05 -12.12
N GLY A 158 10.66 2.16 -11.34
CA GLY A 158 10.94 1.20 -10.28
C GLY A 158 9.96 1.32 -9.12
N ILE A 159 9.32 0.21 -8.77
CA ILE A 159 8.32 0.19 -7.72
C ILE A 159 8.72 -0.77 -6.61
N ARG A 160 8.91 -0.25 -5.40
CA ARG A 160 9.20 -1.09 -4.24
C ARG A 160 7.90 -1.73 -3.74
N PRO A 161 7.84 -3.08 -3.72
CA PRO A 161 6.59 -3.74 -3.33
C PRO A 161 6.39 -3.77 -1.81
N VAL A 162 6.18 -2.61 -1.21
CA VAL A 162 6.02 -2.50 0.22
C VAL A 162 4.60 -2.90 0.65
N VAL A 163 4.54 -3.93 1.49
CA VAL A 163 3.29 -4.39 2.07
C VAL A 163 3.05 -3.66 3.39
N SER A 164 2.04 -2.79 3.43
CA SER A 164 1.71 -2.05 4.64
C SER A 164 0.26 -1.62 4.66
N THR A 165 -0.21 -1.18 5.83
CA THR A 165 -1.57 -0.69 6.00
C THR A 165 -1.56 0.75 6.51
N GLN A 166 -2.65 1.46 6.25
CA GLN A 166 -2.85 2.85 6.67
C GLN A 166 -1.92 3.83 5.93
N LEU A 167 -0.61 3.67 6.11
CA LEU A 167 0.35 4.55 5.47
C LEU A 167 1.07 3.86 4.32
N LEU A 168 1.22 4.58 3.21
CA LEU A 168 1.99 4.11 2.07
C LEU A 168 3.43 4.58 2.19
N LEU A 169 4.36 3.63 2.14
CA LEU A 169 5.76 3.90 2.43
C LEU A 169 6.65 3.74 1.20
N ASN A 170 7.64 4.62 1.08
CA ASN A 170 8.67 4.52 0.05
C ASN A 170 8.13 4.49 -1.39
N GLY A 171 7.02 5.18 -1.62
CA GLY A 171 6.42 5.25 -2.93
C GLY A 171 6.82 6.52 -3.67
N SER A 172 6.10 6.82 -4.75
CA SER A 172 6.35 8.02 -5.54
CA SER A 172 6.34 8.02 -5.54
C SER A 172 5.44 9.15 -5.09
N LEU A 173 5.98 10.37 -5.09
CA LEU A 173 5.22 11.55 -4.67
C LEU A 173 4.52 12.19 -5.85
N ALA A 174 3.45 12.94 -5.55
CA ALA A 174 2.80 13.77 -6.55
C ALA A 174 3.73 14.95 -6.86
N GLU A 175 3.75 15.38 -8.12
CA GLU A 175 4.67 16.42 -8.55
C GLU A 175 4.31 17.80 -7.99
N GLU A 176 3.11 18.27 -8.33
CA GLU A 176 2.69 19.62 -7.97
C GLU A 176 2.13 19.68 -6.54
N GLU A 177 0.93 19.16 -6.37
CA GLU A 177 0.23 19.24 -5.09
C GLU A 177 -0.31 17.87 -4.70
N ILE A 178 -0.84 17.77 -3.48
CA ILE A 178 -1.44 16.53 -3.01
C ILE A 178 -2.61 16.15 -3.92
N VAL A 179 -2.73 14.86 -4.19
CA VAL A 179 -3.83 14.35 -5.00
C VAL A 179 -4.53 13.23 -4.25
N ILE A 180 -5.86 13.29 -4.24
CA ILE A 180 -6.68 12.26 -3.63
CA ILE A 180 -6.69 12.27 -3.62
C ILE A 180 -7.49 11.55 -4.70
N ARG A 181 -7.53 10.21 -4.61
CA ARG A 181 -8.19 9.41 -5.62
C ARG A 181 -9.13 8.37 -5.01
N SER A 182 -10.26 8.17 -5.66
CA SER A 182 -11.24 7.18 -5.26
C SER A 182 -12.00 6.71 -6.49
N GLU A 183 -12.44 5.46 -6.48
CA GLU A 183 -13.24 4.92 -7.57
C GLU A 183 -14.60 5.62 -7.59
N ASN A 184 -15.07 6.01 -6.41
CA ASN A 184 -16.33 6.73 -6.28
C ASN A 184 -16.40 7.43 -4.92
N PHE A 185 -16.12 8.73 -4.92
CA PHE A 185 -16.03 9.49 -3.68
C PHE A 185 -17.33 9.50 -2.90
N THR A 186 -18.46 9.44 -3.60
CA THR A 186 -19.76 9.52 -2.95
C THR A 186 -20.11 8.20 -2.27
N ASN A 187 -19.46 7.12 -2.70
CA ASN A 187 -19.63 5.81 -2.07
C ASN A 187 -18.65 5.66 -0.90
N ASN A 188 -19.17 5.75 0.32
CA ASN A 188 -18.33 5.72 1.51
C ASN A 188 -17.60 4.39 1.71
N ALA A 189 -18.01 3.37 0.95
CA ALA A 189 -17.39 2.05 1.06
C ALA A 189 -16.13 1.93 0.21
N LYS A 190 -15.86 2.93 -0.63
CA LYS A 190 -14.70 2.91 -1.52
C LYS A 190 -13.49 3.57 -0.84
N THR A 191 -12.36 2.89 -0.86
CA THR A 191 -11.14 3.40 -0.28
C THR A 191 -10.67 4.67 -1.00
N ILE A 192 -10.21 5.64 -0.21
CA ILE A 192 -9.62 6.86 -0.74
C ILE A 192 -8.09 6.75 -0.66
N ILE A 193 -7.42 6.85 -1.80
CA ILE A 193 -5.97 6.81 -1.86
C ILE A 193 -5.40 8.22 -1.93
N VAL A 194 -4.58 8.58 -0.94
CA VAL A 194 -3.95 9.89 -0.88
C VAL A 194 -2.50 9.80 -1.33
N GLN A 195 -2.10 10.72 -2.21
CA GLN A 195 -0.73 10.81 -2.67
C GLN A 195 -0.13 12.15 -2.25
N LEU A 196 0.87 12.09 -1.37
CA LEU A 196 1.52 13.30 -0.88
C LEU A 196 2.50 13.83 -1.92
N ASN A 197 2.83 15.11 -1.82
CA ASN A 197 3.83 15.74 -2.68
C ASN A 197 5.12 16.03 -1.92
N GLU A 198 5.09 15.79 -0.61
CA GLU A 198 6.27 15.92 0.23
C GLU A 198 6.30 14.75 1.21
N SER A 199 7.42 14.03 1.25
CA SER A 199 7.53 12.88 2.13
CA SER A 199 7.56 12.88 2.13
C SER A 199 7.62 13.29 3.59
N VAL A 200 7.10 12.45 4.47
CA VAL A 200 7.23 12.62 5.90
C VAL A 200 7.98 11.41 6.43
N VAL A 201 9.22 11.62 6.84
CA VAL A 201 10.04 10.52 7.32
C VAL A 201 9.47 9.95 8.60
N ILE A 202 9.45 8.62 8.70
CA ILE A 202 9.09 7.94 9.93
C ILE A 202 10.16 6.91 10.26
N ASN A 203 10.67 6.97 11.48
CA ASN A 203 11.68 6.03 11.95
C ASN A 203 11.11 5.12 13.00
N CYS A 204 11.12 3.82 12.73
CA CYS A 204 10.63 2.83 13.66
C CYS A 204 11.79 1.98 14.14
N THR A 205 11.89 1.78 15.45
CA THR A 205 13.02 1.10 16.05
C THR A 205 12.60 0.15 17.17
N ARG A 206 13.13 -1.07 17.10
CA ARG A 206 13.12 -1.97 18.24
C ARG A 206 14.54 -1.93 18.81
N PRO A 207 14.76 -1.18 19.90
CA PRO A 207 16.14 -0.97 20.37
C PRO A 207 16.86 -2.25 20.79
N ASN A 208 18.18 -2.23 20.65
CA ASN A 208 19.04 -3.32 21.11
C ASN A 208 18.83 -3.56 22.60
N ASN A 209 18.76 -4.83 22.99
CA ASN A 209 18.44 -5.22 24.36
C ASN A 209 17.10 -4.65 24.82
N ASP A 217 12.26 -6.23 27.03
CA ASP A 217 11.03 -6.53 26.29
C ASP A 217 11.32 -6.54 24.79
N ILE A 218 11.65 -7.73 24.26
CA ILE A 218 12.12 -7.87 22.89
C ILE A 218 11.08 -7.50 21.83
N ARG A 219 9.83 -7.33 22.24
CA ARG A 219 8.72 -7.06 21.32
C ARG A 219 8.23 -5.61 21.36
N GLN A 220 8.70 -4.84 22.33
CA GLN A 220 8.33 -3.43 22.43
C GLN A 220 9.18 -2.60 21.46
N ALA A 221 8.51 -1.74 20.71
CA ALA A 221 9.19 -0.85 19.77
C ALA A 221 8.46 0.48 19.70
N HIS A 222 8.96 1.40 18.88
CA HIS A 222 8.34 2.71 18.75
C HIS A 222 8.67 3.36 17.43
N CYS A 223 7.82 4.28 17.00
CA CYS A 223 8.01 5.03 15.76
C CYS A 223 8.02 6.53 16.02
N ASN A 224 9.04 7.21 15.50
CA ASN A 224 9.14 8.67 15.62
C ASN A 224 8.90 9.38 14.29
N LEU A 225 8.22 10.52 14.34
CA LEU A 225 8.08 11.39 13.20
C LEU A 225 7.87 12.83 13.66
N SER A 226 8.13 13.79 12.78
CA SER A 226 8.00 15.20 13.12
C SER A 226 6.54 15.60 13.30
N LYS A 227 6.24 16.20 14.45
CA LYS A 227 4.88 16.60 14.79
C LYS A 227 4.35 17.68 13.85
N THR A 228 5.18 18.70 13.60
CA THR A 228 4.75 19.82 12.78
C THR A 228 4.55 19.41 11.31
N GLN A 229 5.40 18.51 10.83
CA GLN A 229 5.29 18.04 9.45
C GLN A 229 4.00 17.24 9.26
N TRP A 230 3.67 16.39 10.23
CA TRP A 230 2.46 15.59 10.12
C TRP A 230 1.22 16.47 10.22
N GLU A 231 1.24 17.41 11.17
CA GLU A 231 0.11 18.31 11.35
C GLU A 231 -0.10 19.16 10.10
N ASN A 232 0.99 19.56 9.45
CA ASN A 232 0.88 20.29 8.21
C ASN A 232 0.34 19.40 7.09
N THR A 233 0.69 18.11 7.13
CA THR A 233 0.21 17.16 6.13
C THR A 233 -1.29 16.95 6.26
N LEU A 234 -1.75 16.71 7.48
CA LEU A 234 -3.18 16.53 7.73
C LEU A 234 -3.95 17.78 7.33
N GLU A 235 -3.33 18.94 7.50
CA GLU A 235 -3.94 20.22 7.17
C GLU A 235 -4.18 20.32 5.67
N GLN A 236 -3.19 19.90 4.88
CA GLN A 236 -3.29 19.97 3.43
C GLN A 236 -4.22 18.91 2.85
N ILE A 237 -4.25 17.74 3.46
CA ILE A 237 -5.16 16.67 3.04
C ILE A 237 -6.60 17.12 3.25
N ALA A 238 -6.86 17.78 4.38
CA ALA A 238 -8.19 18.24 4.72
C ALA A 238 -8.71 19.26 3.71
N ILE A 239 -7.82 20.13 3.25
CA ILE A 239 -8.17 21.11 2.23
C ILE A 239 -8.63 20.41 0.96
N LYS A 240 -7.87 19.41 0.52
CA LYS A 240 -8.21 18.68 -0.70
CA LYS A 240 -8.21 18.67 -0.70
C LYS A 240 -9.50 17.90 -0.55
N LEU A 241 -9.78 17.42 0.66
CA LEU A 241 -11.01 16.70 0.92
C LEU A 241 -12.22 17.64 0.89
N LYS A 242 -12.01 18.87 1.38
CA LYS A 242 -13.06 19.88 1.36
C LYS A 242 -13.44 20.25 -0.08
N GLU A 243 -12.44 20.28 -0.96
CA GLU A 243 -12.68 20.56 -2.36
C GLU A 243 -13.61 19.50 -2.94
N GLN A 244 -13.42 18.27 -2.49
CA GLN A 244 -14.14 17.13 -3.03
C GLN A 244 -15.55 17.03 -2.48
N PHE A 245 -15.71 17.24 -1.17
CA PHE A 245 -16.97 16.98 -0.48
C PHE A 245 -17.79 18.22 -0.15
N GLY A 246 -17.17 19.39 -0.25
CA GLY A 246 -17.88 20.64 -0.02
C GLY A 246 -17.14 21.57 0.92
N ASN A 247 -17.09 22.85 0.57
CA ASN A 247 -16.38 23.83 1.37
C ASN A 247 -17.06 24.11 2.70
N ASN A 248 -18.36 23.83 2.78
CA ASN A 248 -19.12 24.01 4.01
C ASN A 248 -19.04 22.79 4.92
N LYS A 249 -18.07 21.90 4.65
CA LYS A 249 -17.89 20.69 5.44
C LYS A 249 -16.81 20.87 6.49
N THR A 250 -17.01 20.22 7.63
CA THR A 250 -15.99 20.15 8.67
C THR A 250 -15.29 18.80 8.57
N ILE A 251 -14.00 18.82 8.26
CA ILE A 251 -13.23 17.60 8.12
C ILE A 251 -12.66 17.16 9.46
N ILE A 252 -12.80 15.88 9.77
CA ILE A 252 -12.28 15.30 11.00
C ILE A 252 -11.56 14.00 10.70
N PHE A 253 -10.45 13.76 11.40
CA PHE A 253 -9.79 12.47 11.36
C PHE A 253 -9.97 11.76 12.70
N ASN A 254 -10.41 10.51 12.64
CA ASN A 254 -10.51 9.66 13.82
C ASN A 254 -9.77 8.34 13.58
N PRO A 255 -9.38 7.65 14.66
CA PRO A 255 -8.75 6.32 14.52
C PRO A 255 -9.70 5.29 13.93
N SER A 256 -9.17 4.11 13.62
CA SER A 256 -9.96 3.01 13.07
C SER A 256 -11.11 2.62 14.01
N SER A 257 -12.24 2.26 13.42
CA SER A 257 -13.40 1.85 14.20
C SER A 257 -13.20 0.47 14.82
N GLY A 258 -12.31 -0.32 14.23
CA GLY A 258 -11.98 -1.64 14.74
C GLY A 258 -11.83 -2.68 13.65
N GLY A 259 -11.41 -3.88 14.05
CA GLY A 259 -11.20 -4.97 13.12
C GLY A 259 -9.95 -5.75 13.50
N ASP A 260 -9.34 -6.40 12.52
CA ASP A 260 -8.11 -7.14 12.77
C ASP A 260 -6.98 -6.17 13.12
N PRO A 261 -5.99 -6.64 13.90
CA PRO A 261 -4.85 -5.79 14.29
C PRO A 261 -4.14 -5.14 13.12
N GLU A 262 -4.11 -5.82 11.97
CA GLU A 262 -3.34 -5.35 10.82
C GLU A 262 -3.88 -4.04 10.23
N ILE A 263 -5.16 -3.76 10.45
CA ILE A 263 -5.78 -2.57 9.88
C ILE A 263 -6.14 -1.52 10.93
N VAL A 264 -6.26 -1.95 12.19
CA VAL A 264 -6.47 -1.02 13.28
C VAL A 264 -5.17 -0.24 13.55
N THR A 265 -4.05 -0.90 13.30
CA THR A 265 -2.74 -0.30 13.49
C THR A 265 -2.05 -0.09 12.14
N HIS A 266 -1.01 0.75 12.13
CA HIS A 266 -0.11 0.84 10.98
C HIS A 266 0.81 -0.37 11.04
N SER A 267 0.60 -1.33 10.15
CA SER A 267 1.34 -2.57 10.17
C SER A 267 2.24 -2.71 8.94
N PHE A 268 3.40 -3.32 9.13
CA PHE A 268 4.37 -3.48 8.07
C PHE A 268 5.48 -4.42 8.53
N ASN A 269 6.22 -4.97 7.59
CA ASN A 269 7.38 -5.80 7.91
C ASN A 269 8.66 -4.98 7.81
N CYS A 270 9.49 -5.07 8.86
CA CYS A 270 10.80 -4.42 8.87
C CYS A 270 11.86 -5.41 9.32
N GLY A 271 12.86 -5.62 8.46
CA GLY A 271 13.94 -6.52 8.78
C GLY A 271 13.49 -7.96 9.00
N GLY A 272 12.32 -8.28 8.48
CA GLY A 272 11.77 -9.62 8.61
C GLY A 272 10.78 -9.76 9.75
N GLU A 273 10.70 -8.73 10.59
CA GLU A 273 9.78 -8.74 11.74
C GLU A 273 8.52 -7.94 11.43
N PHE A 274 7.39 -8.43 11.93
CA PHE A 274 6.10 -7.79 11.70
C PHE A 274 5.76 -6.77 12.80
N PHE A 275 5.70 -5.51 12.42
CA PHE A 275 5.44 -4.42 13.36
C PHE A 275 3.97 -4.02 13.36
N TYR A 276 3.46 -3.72 14.55
CA TYR A 276 2.09 -3.22 14.72
C TYR A 276 2.17 -1.93 15.52
N CYS A 277 1.97 -0.81 14.84
CA CYS A 277 2.18 0.52 15.42
CA CYS A 277 2.17 0.51 15.42
C CYS A 277 0.86 1.26 15.65
N ASN A 278 0.63 1.64 16.91
CA ASN A 278 -0.56 2.40 17.28
C ASN A 278 -0.52 3.80 16.67
N SER A 279 -1.50 4.10 15.81
CA SER A 279 -1.51 5.33 15.04
C SER A 279 -2.61 6.30 15.48
N THR A 280 -3.09 6.14 16.71
CA THR A 280 -4.12 7.03 17.25
C THR A 280 -3.72 8.49 17.17
N GLN A 281 -2.49 8.78 17.56
CA GLN A 281 -1.98 10.15 17.56
C GLN A 281 -1.95 10.76 16.17
N LEU A 282 -1.72 9.92 15.16
CA LEU A 282 -1.64 10.38 13.79
C LEU A 282 -3.00 10.76 13.24
N PHE A 283 -4.05 10.12 13.76
CA PHE A 283 -5.38 10.24 13.17
C PHE A 283 -6.44 10.69 14.18
N THR A 284 -6.06 11.62 15.04
CA THR A 284 -7.01 12.29 15.92
C THR A 284 -6.82 13.79 15.74
N TRP A 285 -7.60 14.37 14.84
CA TRP A 285 -7.35 15.73 14.38
C TRP A 285 -8.62 16.44 13.91
N ASN A 286 -8.71 17.73 14.21
CA ASN A 286 -9.75 18.59 13.66
C ASN A 286 -9.21 20.01 13.50
N ASP A 287 -9.86 20.81 12.66
CA ASP A 287 -9.41 22.17 12.39
C ASP A 287 -9.47 23.04 13.64
N THR A 288 -10.64 23.13 14.24
CA THR A 288 -10.84 23.97 15.40
C THR A 288 -10.31 23.29 16.66
N GLY A 295 4.99 20.14 21.30
CA GLY A 295 5.92 19.04 21.16
C GLY A 295 6.71 19.12 19.88
N ARG A 296 7.71 18.23 19.76
CA ARG A 296 8.59 18.20 18.58
C ARG A 296 8.35 16.93 17.77
N ASN A 297 8.51 15.78 18.43
CA ASN A 297 8.31 14.49 17.79
C ASN A 297 7.01 13.84 18.22
N ILE A 298 6.40 13.09 17.31
CA ILE A 298 5.31 12.19 17.64
C ILE A 298 5.91 10.81 17.81
N THR A 299 5.71 10.21 18.98
CA THR A 299 6.24 8.88 19.27
C THR A 299 5.10 7.87 19.38
N LEU A 300 5.05 6.95 18.44
CA LEU A 300 4.02 5.92 18.43
C LEU A 300 4.55 4.66 19.12
N PRO A 301 3.73 4.05 20.00
CA PRO A 301 4.13 2.75 20.55
C PRO A 301 3.87 1.63 19.54
N CYS A 302 4.83 0.70 19.42
CA CYS A 302 4.71 -0.42 18.50
C CYS A 302 4.91 -1.75 19.21
N ARG A 303 4.36 -2.80 18.63
CA ARG A 303 4.60 -4.16 19.09
C ARG A 303 5.04 -5.02 17.91
N ILE A 304 5.98 -5.93 18.16
CA ILE A 304 6.32 -6.97 17.20
C ILE A 304 5.49 -8.21 17.55
N LYS A 305 4.78 -8.75 16.56
CA LYS A 305 3.91 -9.91 16.77
C LYS A 305 4.41 -11.13 16.00
N GLN A 306 4.19 -12.31 16.59
CA GLN A 306 4.53 -13.57 15.95
C GLN A 306 3.36 -14.09 15.14
N ILE A 307 2.16 -13.92 15.69
CA ILE A 307 0.93 -14.42 15.06
C ILE A 307 0.25 -13.29 14.30
N ILE A 308 0.04 -13.52 13.00
CA ILE A 308 -0.49 -12.47 12.12
C ILE A 308 -1.57 -13.02 11.19
N ASN A 309 -2.45 -12.14 10.73
CA ASN A 309 -3.37 -12.46 9.66
C ASN A 309 -2.71 -12.20 8.33
N MET A 310 -2.75 -13.18 7.44
CA MET A 310 -2.08 -13.08 6.14
C MET A 310 -2.83 -12.15 5.20
N TRP A 311 -2.08 -11.49 4.32
CA TRP A 311 -2.66 -10.63 3.29
C TRP A 311 -2.77 -11.36 1.96
N GLN A 312 -2.01 -12.44 1.82
CA GLN A 312 -1.99 -13.21 0.57
C GLN A 312 -3.25 -14.06 0.44
N GLU A 313 -3.81 -14.44 1.58
CA GLU A 313 -4.99 -15.30 1.61
C GLU A 313 -5.59 -15.23 3.01
N VAL A 314 -6.83 -15.66 3.16
CA VAL A 314 -7.44 -15.69 4.47
C VAL A 314 -6.84 -16.82 5.29
N GLY A 315 -6.29 -16.47 6.45
CA GLY A 315 -5.65 -17.44 7.32
C GLY A 315 -4.68 -16.76 8.26
N LYS A 316 -4.14 -17.52 9.20
CA LYS A 316 -3.17 -17.00 10.16
C LYS A 316 -1.82 -17.69 9.99
N ALA A 317 -0.78 -17.03 10.46
CA ALA A 317 0.58 -17.56 10.39
C ALA A 317 1.33 -17.18 11.65
N MET A 318 2.18 -18.10 12.12
CA MET A 318 3.04 -17.84 13.27
C MET A 318 4.51 -17.91 12.88
N TYR A 319 5.26 -16.88 13.25
CA TYR A 319 6.71 -16.85 13.05
C TYR A 319 7.43 -16.99 14.38
N ALA A 320 8.74 -17.19 14.31
CA ALA A 320 9.56 -17.33 15.51
C ALA A 320 9.73 -15.97 16.17
N PRO A 321 10.17 -15.95 17.43
CA PRO A 321 10.36 -14.68 18.15
C PRO A 321 11.32 -13.73 17.43
N PRO A 322 11.29 -12.44 17.78
CA PRO A 322 12.14 -11.45 17.09
C PRO A 322 13.63 -11.70 17.31
N ILE A 323 14.44 -11.24 16.37
CA ILE A 323 15.88 -11.36 16.46
C ILE A 323 16.42 -10.36 17.47
N ARG A 324 17.65 -10.57 17.91
CA ARG A 324 18.31 -9.64 18.83
C ARG A 324 19.02 -8.55 18.04
N GLY A 325 19.48 -7.52 18.74
CA GLY A 325 20.14 -6.38 18.12
C GLY A 325 19.15 -5.29 17.80
N GLN A 326 19.62 -4.22 17.17
CA GLN A 326 18.74 -3.13 16.78
C GLN A 326 18.03 -3.48 15.48
N ILE A 327 16.70 -3.42 15.52
CA ILE A 327 15.88 -3.53 14.33
C ILE A 327 15.39 -2.12 14.04
N ARG A 328 15.62 -1.65 12.82
CA ARG A 328 15.30 -0.26 12.49
C ARG A 328 15.08 -0.04 11.00
N CYS A 329 13.97 0.62 10.68
CA CYS A 329 13.68 1.05 9.32
CA CYS A 329 13.75 1.09 9.31
C CYS A 329 13.31 2.54 9.31
N SER A 330 13.91 3.30 8.41
CA SER A 330 13.58 4.70 8.20
C SER A 330 12.89 4.78 6.85
N SER A 331 11.64 5.24 6.84
CA SER A 331 10.82 5.21 5.64
C SER A 331 10.24 6.58 5.31
N ASN A 332 9.94 6.78 4.03
CA ASN A 332 9.18 7.95 3.59
C ASN A 332 7.70 7.64 3.53
N ILE A 333 6.90 8.36 4.30
CA ILE A 333 5.46 8.33 4.10
C ILE A 333 5.15 9.16 2.86
N THR A 334 4.60 8.51 1.84
CA THR A 334 4.34 9.16 0.56
C THR A 334 2.86 9.14 0.21
N GLY A 335 2.07 8.42 1.01
CA GLY A 335 0.64 8.34 0.78
C GLY A 335 -0.11 7.78 1.98
N LEU A 336 -1.44 7.86 1.91
CA LEU A 336 -2.32 7.33 2.95
C LEU A 336 -3.49 6.59 2.32
N LEU A 337 -4.08 5.67 3.07
CA LEU A 337 -5.31 4.99 2.67
C LEU A 337 -6.39 5.34 3.68
N LEU A 338 -7.44 6.01 3.20
CA LEU A 338 -8.51 6.48 4.07
C LEU A 338 -9.87 5.91 3.71
N THR A 339 -10.77 5.89 4.69
CA THR A 339 -12.18 5.56 4.47
C THR A 339 -13.02 6.63 5.15
N ARG A 340 -14.16 6.95 4.54
CA ARG A 340 -15.05 7.97 5.05
C ARG A 340 -16.26 7.33 5.72
N ASP A 341 -16.72 7.91 6.83
CA ASP A 341 -17.87 7.37 7.55
C ASP A 341 -19.16 7.55 6.78
N GLY A 342 -19.40 8.76 6.29
CA GLY A 342 -20.60 9.05 5.54
C GLY A 342 -21.85 8.91 6.39
N GLY A 343 -22.98 8.64 5.74
CA GLY A 343 -24.25 8.52 6.44
C GLY A 343 -24.72 9.87 6.97
N LYS A 344 -25.63 9.83 7.94
CA LYS A 344 -26.16 11.05 8.52
C LYS A 344 -26.07 11.03 10.05
N ASN A 347 -24.52 14.21 9.48
CA ASN A 347 -24.61 15.19 8.40
C ASN A 347 -23.93 16.52 8.78
N GLY A 348 -23.31 17.16 7.79
CA GLY A 348 -22.59 18.40 8.01
C GLY A 348 -21.10 18.16 8.23
N THR A 349 -20.78 17.06 8.89
CA THR A 349 -19.40 16.71 9.20
C THR A 349 -18.99 15.45 8.44
N GLU A 350 -17.73 15.40 8.03
CA GLU A 350 -17.17 14.24 7.36
C GLU A 350 -15.99 13.70 8.17
N ILE A 351 -16.13 12.47 8.65
CA ILE A 351 -15.09 11.81 9.44
C ILE A 351 -14.33 10.81 8.58
N PHE A 352 -13.01 10.93 8.60
CA PHE A 352 -12.14 10.04 7.83
C PHE A 352 -11.27 9.22 8.78
N ARG A 353 -11.16 7.93 8.50
CA ARG A 353 -10.38 7.03 9.32
C ARG A 353 -9.32 6.32 8.48
N PRO A 354 -8.21 5.90 9.11
CA PRO A 354 -7.21 5.14 8.35
C PRO A 354 -7.78 3.82 7.88
N GLY A 355 -7.50 3.45 6.63
CA GLY A 355 -8.04 2.24 6.05
C GLY A 355 -6.96 1.35 5.47
N GLY A 356 -7.27 0.73 4.34
CA GLY A 356 -6.38 -0.23 3.72
C GLY A 356 -6.76 -1.65 4.09
N GLY A 357 -6.01 -2.62 3.59
CA GLY A 357 -6.30 -4.02 3.83
C GLY A 357 -6.09 -4.81 2.55
N ASP A 358 -6.70 -4.35 1.47
CA ASP A 358 -6.49 -4.94 0.16
C ASP A 358 -5.19 -4.37 -0.42
N MET A 359 -4.17 -5.21 -0.53
CA MET A 359 -2.87 -4.76 -0.98
C MET A 359 -2.87 -4.34 -2.45
N ARG A 360 -3.95 -4.64 -3.16
CA ARG A 360 -4.08 -4.18 -4.55
C ARG A 360 -4.07 -2.66 -4.62
N ASP A 361 -4.58 -2.01 -3.57
CA ASP A 361 -4.61 -0.55 -3.53
C ASP A 361 -3.22 0.03 -3.37
N ASN A 362 -2.33 -0.71 -2.70
CA ASN A 362 -0.94 -0.30 -2.59
C ASN A 362 -0.31 -0.29 -3.98
N TRP A 363 -0.49 -1.38 -4.73
CA TRP A 363 0.06 -1.48 -6.07
C TRP A 363 -0.59 -0.44 -6.99
N ARG A 364 -1.87 -0.18 -6.74
CA ARG A 364 -2.63 0.79 -7.52
C ARG A 364 -2.03 2.19 -7.37
N SER A 365 -1.51 2.49 -6.18
CA SER A 365 -1.01 3.82 -5.87
C SER A 365 0.24 4.16 -6.69
N GLU A 366 0.86 3.15 -7.30
CA GLU A 366 2.03 3.35 -8.14
C GLU A 366 1.73 3.08 -9.61
N LEU A 367 0.78 2.18 -9.88
CA LEU A 367 0.48 1.77 -11.25
C LEU A 367 -0.65 2.57 -11.89
N TYR A 368 -1.18 3.56 -11.18
CA TYR A 368 -2.37 4.28 -11.61
C TYR A 368 -2.23 4.96 -12.98
N LYS A 369 -1.00 5.30 -13.35
CA LYS A 369 -0.77 6.05 -14.58
C LYS A 369 -0.39 5.17 -15.76
N TYR A 370 -0.47 3.85 -15.58
CA TYR A 370 -0.08 2.90 -16.62
C TYR A 370 -1.26 2.07 -17.12
N LYS A 371 -1.17 1.65 -18.38
CA LYS A 371 -2.07 0.65 -18.93
C LYS A 371 -1.37 -0.06 -20.08
N VAL A 372 -1.71 -1.33 -20.28
CA VAL A 372 -1.10 -2.13 -21.33
C VAL A 372 -2.05 -2.22 -22.52
N VAL A 373 -1.52 -1.98 -23.72
CA VAL A 373 -2.30 -2.06 -24.94
CA VAL A 373 -2.30 -2.06 -24.94
C VAL A 373 -1.60 -2.95 -25.96
N LYS A 374 -2.37 -3.54 -26.87
CA LYS A 374 -1.82 -4.37 -27.92
C LYS A 374 -1.62 -3.53 -29.18
N ILE A 375 -0.46 -3.68 -29.81
CA ILE A 375 -0.17 -2.96 -31.04
C ILE A 375 -0.89 -3.64 -32.20
N GLU A 376 -1.74 -2.86 -32.88
CA GLU A 376 -2.57 -3.38 -33.96
C GLU A 376 -2.61 -2.40 -35.12
CA MPT B 1 -12.14 -11.90 4.87
C MPT B 1 -13.11 -13.03 5.24
O MPT B 1 -13.35 -13.75 4.06
CB MPT B 1 -12.32 -10.80 5.90
SG MPT B 1 -14.09 -10.42 5.98
HB2 MPT B 1 -11.97 -11.11 6.90
N ASN B 2 -13.00 -13.69 6.40
CA ASN B 2 -14.19 -14.40 6.81
C ASN B 2 -15.24 -13.45 7.39
N LEU B 3 -16.23 -13.10 6.56
CA LEU B 3 -17.16 -12.00 6.83
C LEU B 3 -18.01 -12.23 8.07
N HIS B 4 -18.13 -13.48 8.47
CA HIS B 4 -19.14 -13.88 9.45
C HIS B 4 -18.57 -13.86 10.86
N PHE B 5 -17.38 -14.45 11.01
CA PHE B 5 -16.61 -14.29 12.23
C PHE B 5 -16.40 -12.80 12.43
N CYS B 6 -16.23 -12.09 11.32
CA CYS B 6 -16.01 -10.65 11.33
C CYS B 6 -17.24 -9.89 11.82
N GLN B 7 -18.37 -10.09 11.14
CA GLN B 7 -19.62 -9.45 11.56
C GLN B 7 -20.00 -9.90 12.97
N LEU B 8 -19.70 -11.15 13.28
CA LEU B 8 -19.96 -11.69 14.61
C LEU B 8 -19.08 -11.01 15.65
N ARG B 9 -17.90 -10.55 15.23
CA ARG B 9 -16.98 -9.85 16.11
C ARG B 9 -17.34 -8.37 16.21
N CYS B 10 -17.60 -7.75 15.07
CA CYS B 10 -17.85 -6.31 15.03
C CYS B 10 -19.18 -5.95 15.69
N LYS B 11 -20.17 -6.84 15.60
CA LYS B 11 -21.47 -6.58 16.21
CA LYS B 11 -21.47 -6.59 16.20
C LYS B 11 -21.34 -6.55 17.72
N SER B 12 -20.32 -7.20 18.25
CA SER B 12 -20.03 -7.17 19.68
C SER B 12 -19.33 -5.87 20.05
N LEU B 13 -18.95 -5.08 19.05
CA LEU B 13 -18.34 -3.77 19.28
C LEU B 13 -19.33 -2.65 19.01
N GLY B 14 -20.56 -3.03 18.68
CA GLY B 14 -21.60 -2.07 18.39
C GLY B 14 -21.60 -1.64 16.93
N LEU B 15 -20.89 -2.40 16.10
CA LEU B 15 -20.64 -2.00 14.72
C LEU B 15 -20.90 -3.14 13.74
N LEU B 16 -20.95 -2.80 12.45
CA LEU B 16 -21.12 -3.80 11.40
C LEU B 16 -19.75 -4.21 10.86
N GLY B 17 -19.66 -5.47 10.44
CA GLY B 17 -18.42 -5.99 9.88
C GLY B 17 -18.43 -6.07 8.37
N ARG B 18 -17.26 -5.94 7.76
CA ARG B 18 -17.12 -6.13 6.33
C ARG B 18 -15.67 -6.44 5.99
N CYS B 19 -15.46 -7.04 4.83
CA CYS B 19 -14.13 -7.47 4.43
C CYS B 19 -13.27 -6.34 3.91
N ALA B 20 -12.03 -6.29 4.39
CA ALA B 20 -11.01 -5.39 3.86
C ALA B 20 -9.91 -6.27 3.29
N DPR B 21 -10.10 -6.74 2.05
CA DPR B 21 -9.19 -7.78 1.53
CB DPR B 21 -9.63 -7.93 0.07
CG DPR B 21 -11.02 -7.43 0.02
CD DPR B 21 -11.09 -6.32 1.03
C DPR B 21 -9.40 -9.08 2.29
O DPR B 21 -10.53 -9.56 2.41
HA DPR B 21 -8.26 -7.50 1.58
HB2 DPR B 21 -9.58 -8.86 -0.18
HB3 DPR B 21 -9.05 -7.39 -0.50
HG2 DPR B 21 -11.64 -8.14 0.26
HG3 DPR B 21 -11.22 -7.08 -0.86
HD2 DPR B 21 -10.83 -5.49 0.64
HD3 DPR B 21 -11.97 -6.28 1.43
N THR B 22 -8.33 -9.64 2.81
CA THR B 22 -8.38 -10.88 3.57
C THR B 22 -8.58 -10.62 5.05
C10 1OP B 23 2.03 -6.18 6.59
C10 1OP B 23 1.90 -6.74 7.69
C11 1OP B 23 2.58 -7.33 7.45
C11 1OP B 23 1.63 -8.04 8.48
N 1OP B 23 -8.76 -9.32 5.43
C 1OP B 23 -10.29 -8.54 7.19
O 1OP B 23 -11.09 -8.19 6.34
CA 1OP B 23 -8.85 -8.93 6.84
CB 1OP B 23 -7.98 -7.69 7.12
CG 1OP B 23 -6.52 -7.73 6.82
CD1 1OP B 23 -5.66 -8.55 7.54
CD2 1OP B 23 -6.00 -6.92 5.82
CE1 1OP B 23 -4.30 -8.58 7.25
CE2 1OP B 23 -4.65 -6.92 5.52
CZ 1OP B 23 -3.80 -7.76 6.24
O1 1OP B 23 -2.46 -7.74 5.93
C07 1OP B 23 -1.83 -6.51 6.20
C07 1OP B 23 -1.76 -6.64 6.45
C08 1OP B 23 -0.34 -6.71 5.85
C08 1OP B 23 -0.27 -7.05 6.41
C09 1OP B 23 0.55 -5.96 6.84
C09 1OP B 23 0.59 -6.10 7.26
O2 1OP B 23 1.75 -8.44 7.17
O2 1OP B 23 1.73 -7.69 9.84
HA 1OP B 23 -8.54 -9.77 7.53
HB2 1OP B 23 -8.43 -6.79 6.65
N CYS B 24 -10.59 -8.59 8.49
CA CYS B 24 -11.87 -8.14 9.02
C CYS B 24 -11.81 -6.65 9.37
N ALA B 25 -12.85 -5.93 8.99
CA ALA B 25 -12.94 -4.49 9.30
C ALA B 25 -14.32 -4.17 9.85
N CYS B 26 -14.36 -3.28 10.83
CA CYS B 26 -15.62 -2.85 11.44
C CYS B 26 -16.04 -1.49 10.92
N VAL B 27 -17.36 -1.27 10.86
CA VAL B 27 -17.93 -0.05 10.32
C VAL B 27 -19.05 0.29 11.31
N NH2 B 28 -18.93 1.49 11.99
C1 NAG C . -21.13 6.38 -6.80
C2 NAG C . -21.98 5.97 -7.99
C3 NAG C . -23.44 6.37 -7.75
C4 NAG C . -23.94 5.80 -6.43
C5 NAG C . -23.00 6.21 -5.30
C6 NAG C . -23.36 5.57 -3.99
C7 NAG C . -21.34 5.92 -10.38
C8 NAG C . -21.74 4.46 -10.39
N2 NAG C . -21.49 6.57 -9.22
O3 NAG C . -24.24 5.89 -8.82
O4 NAG C . -25.25 6.28 -6.15
O5 NAG C . -21.66 5.80 -5.61
O6 NAG C . -23.22 4.15 -4.05
O7 NAG C . -20.91 6.46 -11.38
H2 NAG C . -21.94 5.00 -8.07
H3 NAG C . -23.50 7.35 -7.72
H4 NAG C . -23.96 4.83 -6.49
H5 NAG C . -23.02 7.18 -5.20
H61 NAG C . -24.28 5.79 -3.76
H62 NAG C . -22.77 5.91 -3.29
H81 NAG C . -21.64 4.10 -11.29
H82 NAG C . -22.67 4.39 -10.10
H83 NAG C . -21.17 3.97 -9.76
HN2 NAG C . -21.25 7.46 -9.19
HO3 NAG C . -25.10 5.87 -8.58
HO4 NAG C . -25.65 5.75 -5.57
HO6 NAG C . -22.59 3.94 -4.64
C1 NAG D . -12.08 11.82 -12.68
C2 NAG D . -13.50 11.66 -12.13
C3 NAG D . -14.50 11.59 -13.29
C4 NAG D . -14.32 12.76 -14.23
C5 NAG D . -12.86 12.86 -14.69
C6 NAG D . -12.59 14.08 -15.54
C7 NAG D . -13.44 10.50 -9.96
C8 NAG D . -13.09 11.81 -9.34
N2 NAG D . -13.61 10.49 -11.29
O3 NAG D . -15.82 11.58 -12.76
O4 NAG D . -15.15 12.60 -15.37
O5 NAG D . -12.00 12.95 -13.53
O6 NAG D . -11.28 14.05 -16.07
O7 NAG D . -13.54 9.47 -9.29
H2 NAG D . -13.71 12.45 -11.60
H3 NAG D . -14.35 10.75 -13.78
H4 NAG D . -14.56 13.58 -13.77
H5 NAG D . -12.63 12.06 -15.19
H61 NAG D . -12.70 14.88 -14.98
H62 NAG D . -13.24 14.11 -16.27
H81 NAG D . -13.01 11.71 -8.36
H82 NAG D . -13.78 12.47 -9.54
H83 NAG D . -12.23 12.13 -9.69
HN2 NAG D . -13.83 9.69 -11.68
HO3 NAG D . -16.14 12.41 -12.76
HO4 NAG D . -15.49 13.40 -15.60
HO6 NAG D . -10.69 14.03 -15.41
C1 NAG E . 3.56 16.69 -21.20
C2 NAG E . 4.21 18.08 -21.32
C3 NAG E . 5.72 17.93 -21.49
C4 NAG E . 6.30 17.08 -20.36
C5 NAG E . 5.56 15.75 -20.28
C6 NAG E . 6.00 14.90 -19.11
C7 NAG E . 2.59 19.63 -22.29
C8 NAG E . 2.14 20.33 -23.55
N2 NAG E . 3.64 18.82 -22.43
O3 NAG E . 6.32 19.21 -21.49
O4 NAG E . 7.68 16.83 -20.60
O5 NAG E . 4.15 15.99 -20.11
O6 NAG E . 5.63 15.50 -17.86
O7 NAG E . 2.02 19.79 -21.23
H2 NAG E . 4.05 18.57 -20.49
H3 NAG E . 5.90 17.49 -22.34
H4 NAG E . 6.20 17.56 -19.52
H5 NAG E . 5.70 15.25 -21.10
H61 NAG E . 6.97 14.79 -19.13
H62 NAG E . 5.58 14.02 -19.17
H81 NAG E . 1.34 20.86 -23.36
H82 NAG E . 1.93 19.67 -24.23
H83 NAG E . 2.85 20.91 -23.87
HN2 NAG E . 4.03 18.74 -23.25
HO3 NAG E . 7.17 19.15 -21.21
HO4 NAG E . 8.15 17.01 -19.86
HO6 NAG E . 4.86 15.93 -17.96
C1 NAG F . 12.00 2.17 2.98
C2 NAG F . 11.95 0.85 3.75
C3 NAG F . 13.13 0.75 4.70
C4 NAG F . 14.44 0.98 3.95
C5 NAG F . 14.37 2.30 3.17
C6 NAG F . 15.59 2.54 2.32
C7 NAG F . 9.89 -0.36 4.33
C8 NAG F . 8.64 -0.34 5.15
N2 NAG F . 10.70 0.71 4.46
O3 NAG F . 13.14 -0.53 5.31
O4 NAG F . 15.52 1.03 4.87
O5 NAG F . 13.25 2.29 2.30
O6 NAG F . 15.83 1.45 1.44
O7 NAG F . 10.17 -1.30 3.59
H2 NAG F . 12.02 0.12 3.10
H3 NAG F . 13.04 1.43 5.40
H4 NAG F . 14.59 0.25 3.32
H5 NAG F . 14.29 3.03 3.81
H61 NAG F . 16.38 2.66 2.89
H62 NAG F . 15.46 3.34 1.79
H81 NAG F . 8.11 -1.14 4.95
H82 NAG F . 8.12 0.45 4.93
H83 NAG F . 8.87 -0.33 6.10
HN2 NAG F . 10.45 1.36 5.02
HO3 NAG F . 13.91 -0.66 5.73
HO4 NAG F . 16.28 0.83 4.46
HO6 NAG F . 15.06 1.21 1.05
C1 NAG G . 2.56 20.40 -1.89
C2 NAG G . 3.27 21.72 -2.22
C3 NAG G . 2.63 22.86 -1.45
C4 NAG G . 1.13 22.90 -1.71
C5 NAG G . 0.50 21.53 -1.43
C6 NAG G . -0.96 21.47 -1.81
C7 NAG G . 5.59 21.19 -2.81
C8 NAG G . 7.02 21.17 -2.33
N2 NAG G . 4.69 21.63 -1.93
O3 NAG G . 3.22 24.09 -1.86
O4 NAG G . 0.51 23.86 -0.86
O5 NAG G . 1.17 20.52 -2.19
O6 NAG G . -1.50 20.18 -1.58
O7 NAG G . 5.28 20.83 -3.94
H2 NAG G . 3.16 21.89 -3.18
H3 NAG G . 2.79 22.73 -0.50
H4 NAG G . 0.96 23.14 -2.64
H5 NAG G . 0.60 21.33 -0.48
H61 NAG G . -1.06 21.69 -2.75
H62 NAG G . -1.45 22.12 -1.27
H81 NAG G . 7.59 20.81 -3.04
H82 NAG G . 7.08 20.62 -1.53
H83 NAG G . 7.31 22.08 -2.13
HN2 NAG G . 4.98 21.89 -1.10
HO3 NAG G . 2.59 24.71 -1.94
HO4 NAG G . -0.29 24.06 -1.18
HO6 NAG G . -2.34 20.15 -1.87
C1 NAG H . 14.89 9.75 11.53
C2 NAG H . 14.93 10.97 12.43
C3 NAG H . 16.02 11.94 11.95
C4 NAG H . 17.35 11.22 11.81
C5 NAG H . 17.19 9.97 10.95
C6 NAG H . 18.45 9.14 10.88
C7 NAG H . 12.83 11.60 13.55
C8 NAG H . 11.54 12.32 13.41
N2 NAG H . 13.64 11.62 12.48
O3 NAG H . 16.13 13.02 12.87
O4 NAG H . 18.31 12.09 11.21
O5 NAG H . 16.17 9.13 11.50
O6 NAG H . 18.20 7.87 10.28
O7 NAG H . 13.15 11.01 14.58
H2 NAG H . 15.17 10.68 13.33
H3 NAG H . 15.75 12.29 11.08
H4 NAG H . 17.67 10.97 12.70
H5 NAG H . 16.93 10.23 10.05
H61 NAG H . 18.80 9.01 11.78
H62 NAG H . 19.12 9.62 10.34
H81 NAG H . 11.01 12.21 14.22
H82 NAG H . 11.04 11.96 12.65
H83 NAG H . 11.71 13.27 13.26
HN2 NAG H . 13.36 12.07 11.73
HO3 NAG H . 16.98 13.30 12.88
HO4 NAG H . 19.07 12.03 11.65
HO6 NAG H . 17.33 7.79 10.14
C1 NAG I . -3.62 3.37 20.67
C2 NAG I . -4.35 2.40 21.60
C3 NAG I . -5.13 3.18 22.66
C4 NAG I . -4.23 4.18 23.36
C5 NAG I . -3.52 5.07 22.35
C6 NAG I . -2.53 6.03 22.97
C7 NAG I . -4.78 0.55 20.05
C8 NAG I . -5.83 -0.25 19.34
N2 NAG I . -5.22 1.53 20.84
O3 NAG I . -5.67 2.27 23.60
O4 NAG I . -5.00 4.98 24.24
O5 NAG I . -2.78 4.24 21.43
O6 NAG I . -1.51 6.40 22.05
O7 NAG I . -3.57 0.33 19.91
H2 NAG I . -3.68 1.86 22.06
H3 NAG I . -5.86 3.66 22.23
H4 NAG I . -3.56 3.70 23.89
H5 NAG I . -4.19 5.58 21.85
H61 NAG I . -2.11 5.60 23.75
H62 NAG I . -3.01 6.82 23.26
H81 NAG I . -5.40 -0.91 18.75
H82 NAG I . -6.38 0.35 18.80
H83 NAG I . -6.39 -0.71 19.99
HN2 NAG I . -6.12 1.66 20.92
HO3 NAG I . -5.37 2.45 24.42
HO4 NAG I . -4.56 5.08 25.02
HO6 NAG I . -1.55 5.86 21.34
C1 NAG J . 12.61 9.44 0.25
C2 NAG J . 13.40 8.71 -0.85
C3 NAG J . 14.62 9.53 -1.24
C4 NAG J . 14.21 10.95 -1.62
C5 NAG J . 13.39 11.57 -0.50
C6 NAG J . 12.84 12.94 -0.86
C7 NAG J . 13.30 6.25 -0.90
C8 NAG J . 13.83 4.98 -0.32
N2 NAG J . 13.81 7.38 -0.40
O3 NAG J . 15.28 8.91 -2.33
O4 NAG J . 15.36 11.75 -1.85
O5 NAG J . 12.25 10.74 -0.21
O6 NAG J . 11.53 13.13 -0.35
O7 NAG J . 12.43 6.25 -1.78
H2 NAG J . 12.83 8.62 -1.64
H3 NAG J . 15.24 9.58 -0.49
H4 NAG J . 13.67 10.91 -2.43
H5 NAG J . 13.94 11.65 0.30
H61 NAG J . 12.83 13.03 -1.82
H62 NAG J . 13.43 13.62 -0.47
H81 NAG J . 13.37 4.22 -0.72
H82 NAG J . 13.69 4.97 0.65
H83 NAG J . 14.79 4.92 -0.51
HN2 NAG J . 14.45 7.31 0.25
HO3 NAG J . 14.98 9.25 -3.10
HO4 NAG J . 15.30 12.13 -2.66
HO6 NAG J . 11.56 13.58 0.42
C1 IPA K . -4.71 3.89 -30.57
C2 IPA K . -3.52 3.67 -29.63
C3 IPA K . -2.60 4.90 -29.70
O2 IPA K . -3.99 3.51 -28.30
C1 IPA L . 14.66 -4.84 -23.69
C2 IPA L . 14.18 -4.30 -22.35
C3 IPA L . 12.66 -4.45 -22.22
O2 IPA L . 14.84 -4.98 -21.27
C1 IPA M . 13.22 -15.07 -16.74
C2 IPA M . 12.85 -13.84 -17.56
C3 IPA M . 12.86 -14.20 -19.05
O2 IPA M . 11.55 -13.39 -17.19
C1 IPA N . -8.59 -4.56 -12.01
C2 IPA N . -7.99 -4.52 -10.59
C3 IPA N . -7.46 -5.90 -10.23
O2 IPA N . -6.94 -3.56 -10.55
CAC FLC O . 2.48 -11.08 22.86
CA FLC O . 2.90 -11.60 21.51
CB FLC O . 1.70 -11.78 20.57
CBC FLC O . 2.13 -12.31 19.23
CG FLC O . 0.68 -12.74 21.17
CGC FLC O . -0.72 -12.44 20.72
OA1 FLC O . 3.36 -10.79 23.70
OA2 FLC O . 1.26 -10.95 23.11
OB1 FLC O . 1.37 -12.20 18.26
OB2 FLC O . 3.25 -12.85 19.14
OG1 FLC O . -0.91 -12.18 19.52
OG2 FLC O . -1.63 -12.45 21.58
OHB FLC O . 1.11 -10.48 20.39
#